data_2W1J
#
_entry.id   2W1J
#
_cell.length_a   68.091
_cell.length_b   70.189
_cell.length_c   86.542
_cell.angle_alpha   90.00
_cell.angle_beta   90.00
_cell.angle_gamma   90.00
#
_symmetry.space_group_name_H-M   'P 21 21 21'
#
loop_
_entity.id
_entity.type
_entity.pdbx_description
1 polymer 'PUTATIVE SORTASE'
2 non-polymer GLYCEROL
3 water water
#
_entity_poly.entity_id   1
_entity_poly.type   'polypeptide(L)'
_entity_poly.pdbx_seq_one_letter_code
;ESNQQIADFDKEKATLDEADIDERMKLAQAFNDSLNNVVSGDPWSEEMKKKGRAEYARMLEIHERMGHVEIPVIDVDLPV
YAGTAEEVLQQGAGHLEGTSLPIGGNSTHAVITAHTGLPTAKMFTDLTKLKVGDKFYVHNIKEVMAYQVDQVKVIEPTNF
DDLLIVPGHDYVTLLTCTPYMINTHRLLVRGHRIPYVAEVEEEFIAANKLSH
;
_entity_poly.pdbx_strand_id   A,B
#
loop_
_chem_comp.id
_chem_comp.type
_chem_comp.name
_chem_comp.formula
GOL non-polymer GLYCEROL 'C3 H8 O3'
#
# COMPACT_ATOMS: atom_id res chain seq x y z
N GLN A 4 17.38 -14.67 -24.14
CA GLN A 4 18.62 -14.08 -24.73
C GLN A 4 19.20 -12.97 -23.85
N GLN A 5 18.38 -11.97 -23.55
CA GLN A 5 18.80 -10.85 -22.70
C GLN A 5 19.17 -11.32 -21.30
N ILE A 6 18.19 -11.90 -20.60
CA ILE A 6 18.43 -12.43 -19.27
C ILE A 6 19.38 -13.62 -19.33
N ALA A 7 19.18 -14.47 -20.34
CA ALA A 7 20.07 -15.60 -20.56
C ALA A 7 21.52 -15.13 -20.70
N ASP A 8 21.72 -14.09 -21.50
CA ASP A 8 23.06 -13.54 -21.70
C ASP A 8 23.67 -13.07 -20.38
N PHE A 9 22.87 -12.38 -19.58
CA PHE A 9 23.35 -11.87 -18.30
C PHE A 9 23.77 -12.99 -17.35
N ASP A 10 22.91 -13.99 -17.19
CA ASP A 10 23.23 -15.09 -16.28
C ASP A 10 24.44 -15.90 -16.73
N LYS A 11 24.54 -16.15 -18.05
CA LYS A 11 25.68 -16.88 -18.59
C LYS A 11 26.98 -16.11 -18.34
N GLU A 12 26.97 -14.82 -18.66
CA GLU A 12 28.17 -13.99 -18.50
C GLU A 12 28.51 -13.79 -17.02
N LYS A 13 27.49 -13.59 -16.20
CA LYS A 13 27.68 -13.51 -14.76
C LYS A 13 28.48 -14.72 -14.28
N ALA A 14 28.12 -15.89 -14.79
CA ALA A 14 28.71 -17.14 -14.34
C ALA A 14 30.19 -17.23 -14.71
N THR A 15 30.62 -16.44 -15.68
CA THR A 15 32.01 -16.47 -16.15
C THR A 15 32.89 -15.41 -15.49
N LEU A 16 32.29 -14.49 -14.74
CA LEU A 16 33.06 -13.41 -14.12
C LEU A 16 33.99 -13.97 -13.05
N ASP A 17 35.23 -13.50 -13.05
CA ASP A 17 36.16 -13.88 -11.98
C ASP A 17 35.69 -13.26 -10.67
N GLU A 18 35.77 -14.02 -9.59
CA GLU A 18 35.33 -13.54 -8.29
C GLU A 18 36.05 -12.24 -7.89
N ALA A 19 37.33 -12.11 -8.24
CA ALA A 19 38.06 -10.90 -7.88
C ALA A 19 37.54 -9.66 -8.64
N ASP A 20 37.09 -9.89 -9.88
CA ASP A 20 36.47 -8.85 -10.70
C ASP A 20 35.15 -8.42 -10.04
N ILE A 21 34.34 -9.39 -9.62
CA ILE A 21 33.12 -9.10 -8.89
C ILE A 21 33.42 -8.30 -7.62
N ASP A 22 34.47 -8.69 -6.89
CA ASP A 22 34.83 -7.96 -5.68
C ASP A 22 35.13 -6.48 -5.97
N GLU A 23 35.88 -6.23 -7.04
CA GLU A 23 36.21 -4.85 -7.42
C GLU A 23 34.95 -4.07 -7.78
N ARG A 24 34.09 -4.69 -8.57
CA ARG A 24 32.89 -4.02 -9.04
C ARG A 24 31.95 -3.71 -7.87
N MET A 25 31.83 -4.65 -6.94
CA MET A 25 30.95 -4.44 -5.79
C MET A 25 31.50 -3.36 -4.86
N LYS A 26 32.81 -3.24 -4.76
CA LYS A 26 33.42 -2.15 -4.01
C LYS A 26 32.95 -0.81 -4.56
N LEU A 27 33.00 -0.69 -5.88
CA LEU A 27 32.56 0.55 -6.53
C LEU A 27 31.09 0.80 -6.34
N ALA A 28 30.28 -0.24 -6.43
CA ALA A 28 28.83 -0.11 -6.28
C ALA A 28 28.50 0.29 -4.85
N GLN A 29 29.18 -0.33 -3.88
CA GLN A 29 28.93 0.00 -2.49
C GLN A 29 29.31 1.45 -2.18
N ALA A 30 30.44 1.88 -2.73
CA ALA A 30 30.88 3.26 -2.52
C ALA A 30 29.87 4.23 -3.09
N PHE A 31 29.33 3.91 -4.27
CA PHE A 31 28.31 4.74 -4.88
C PHE A 31 27.07 4.86 -4.00
N ASN A 32 26.60 3.72 -3.49
CA ASN A 32 25.44 3.75 -2.59
C ASN A 32 25.71 4.49 -1.28
N ASP A 33 26.90 4.29 -0.72
CA ASP A 33 27.21 4.92 0.56
C ASP A 33 27.24 6.45 0.47
N SER A 34 27.59 6.96 -0.71
CA SER A 34 27.69 8.41 -0.92
C SER A 34 26.55 8.97 -1.75
N LEU A 35 25.51 8.17 -1.94
CA LEU A 35 24.43 8.54 -2.83
C LEU A 35 23.81 9.90 -2.51
N ASN A 36 23.68 10.73 -3.53
CA ASN A 36 22.83 11.91 -3.46
C ASN A 36 21.40 11.47 -3.77
N ASN A 37 20.61 11.25 -2.72
CA ASN A 37 19.33 10.56 -2.85
C ASN A 37 18.23 11.55 -3.23
N VAL A 38 18.31 11.98 -4.49
CA VAL A 38 17.36 12.93 -5.06
C VAL A 38 16.86 12.34 -6.36
N VAL A 39 15.55 12.16 -6.48
CA VAL A 39 15.02 11.48 -7.64
C VAL A 39 15.18 12.33 -8.88
N SER A 40 15.77 11.73 -9.91
CA SER A 40 16.07 12.43 -11.15
C SER A 40 14.83 13.10 -11.73
N GLY A 41 13.72 12.38 -11.79
CA GLY A 41 12.49 12.93 -12.34
C GLY A 41 11.46 11.83 -12.62
N ASP A 42 10.29 12.23 -13.11
CA ASP A 42 9.26 11.27 -13.53
C ASP A 42 9.68 10.67 -14.86
N PRO A 43 9.91 9.34 -14.91
CA PRO A 43 10.43 8.75 -16.14
C PRO A 43 9.62 9.03 -17.41
N TRP A 44 8.32 9.28 -17.24
CA TRP A 44 7.46 9.41 -18.41
C TRP A 44 7.31 10.85 -18.88
N SER A 45 7.98 11.77 -18.20
CA SER A 45 8.00 13.17 -18.63
C SER A 45 8.92 13.33 -19.84
N GLU A 46 8.71 14.39 -20.62
CA GLU A 46 9.50 14.61 -21.82
C GLU A 46 10.98 14.76 -21.51
N GLU A 47 11.30 15.47 -20.43
CA GLU A 47 12.68 15.72 -20.04
C GLU A 47 13.42 14.42 -19.73
N MET A 48 12.70 13.46 -19.15
CA MET A 48 13.33 12.21 -18.75
C MET A 48 13.40 11.22 -19.91
N LYS A 49 12.36 11.20 -20.75
CA LYS A 49 12.34 10.33 -21.92
C LYS A 49 13.56 10.58 -22.82
N LYS A 50 14.01 11.82 -22.89
CA LYS A 50 15.02 12.22 -23.86
C LYS A 50 16.42 12.28 -23.27
N LYS A 51 16.59 11.72 -22.08
CA LYS A 51 17.89 11.70 -21.41
C LYS A 51 18.92 10.91 -22.21
N GLY A 52 20.18 11.31 -22.11
CA GLY A 52 21.25 10.61 -22.80
C GLY A 52 21.54 9.28 -22.12
N ARG A 53 22.53 8.56 -22.64
CA ARG A 53 22.94 7.31 -22.02
C ARG A 53 23.34 7.56 -20.57
N ALA A 54 23.07 6.59 -19.70
CA ALA A 54 23.45 6.70 -18.30
C ALA A 54 24.72 5.90 -18.03
N GLU A 55 25.67 6.51 -17.35
CA GLU A 55 26.98 5.88 -17.14
C GLU A 55 27.25 5.56 -15.68
N TYR A 56 26.30 5.88 -14.80
CA TYR A 56 26.56 5.84 -13.37
C TYR A 56 26.64 4.44 -12.77
N ALA A 57 26.18 3.44 -13.51
CA ALA A 57 26.11 2.07 -13.00
C ALA A 57 27.01 1.11 -13.77
N ARG A 58 28.01 1.62 -14.49
CA ARG A 58 28.87 0.78 -15.31
C ARG A 58 29.50 -0.39 -14.55
N MET A 59 29.81 -0.16 -13.27
CA MET A 59 30.45 -1.21 -12.47
C MET A 59 29.58 -2.46 -12.32
N LEU A 60 28.26 -2.29 -12.41
CA LEU A 60 27.32 -3.40 -12.23
C LEU A 60 26.92 -4.06 -13.54
N GLU A 61 27.41 -3.50 -14.66
CA GLU A 61 26.88 -3.87 -15.96
C GLU A 61 27.67 -4.97 -16.65
N ILE A 62 26.93 -5.92 -17.25
CA ILE A 62 27.48 -6.81 -18.26
C ILE A 62 26.71 -6.53 -19.54
N HIS A 63 27.42 -6.10 -20.57
CA HIS A 63 26.78 -5.69 -21.82
C HIS A 63 25.60 -4.77 -21.54
N GLU A 64 25.85 -3.73 -20.75
CA GLU A 64 24.86 -2.68 -20.49
C GLU A 64 23.73 -3.03 -19.54
N ARG A 65 23.59 -4.31 -19.18
CA ARG A 65 22.53 -4.69 -18.24
C ARG A 65 23.09 -4.81 -16.83
N MET A 66 22.42 -4.19 -15.86
CA MET A 66 22.90 -4.26 -14.48
CA MET A 66 22.87 -4.23 -14.47
C MET A 66 22.26 -5.39 -13.70
N GLY A 67 21.41 -6.17 -14.36
CA GLY A 67 20.81 -7.34 -13.73
C GLY A 67 19.42 -7.59 -14.28
N HIS A 68 18.60 -8.30 -13.52
CA HIS A 68 17.21 -8.48 -13.92
C HIS A 68 16.30 -8.57 -12.71
N VAL A 69 15.03 -8.25 -12.95
CA VAL A 69 14.01 -8.35 -11.93
C VAL A 69 13.05 -9.45 -12.30
N GLU A 70 12.92 -10.42 -11.38
CA GLU A 70 12.14 -11.63 -11.61
C GLU A 70 10.94 -11.63 -10.67
N ILE A 71 9.74 -11.76 -11.23
CA ILE A 71 8.54 -11.76 -10.41
C ILE A 71 7.74 -13.00 -10.81
N PRO A 72 8.07 -14.14 -10.19
CA PRO A 72 7.54 -15.42 -10.67
C PRO A 72 6.01 -15.48 -10.73
N VAL A 73 5.33 -14.87 -9.78
CA VAL A 73 3.88 -15.06 -9.68
C VAL A 73 3.14 -14.44 -10.88
N ILE A 74 3.75 -13.46 -11.54
CA ILE A 74 3.17 -12.89 -12.76
C ILE A 74 4.06 -13.14 -13.99
N ASP A 75 4.95 -14.12 -13.89
CA ASP A 75 5.74 -14.54 -15.05
C ASP A 75 6.53 -13.40 -15.67
N VAL A 76 7.13 -12.56 -14.83
CA VAL A 76 7.95 -11.46 -15.31
C VAL A 76 9.43 -11.76 -15.06
N ASP A 77 10.27 -11.51 -16.06
CA ASP A 77 11.72 -11.52 -15.84
C ASP A 77 12.27 -10.51 -16.82
N LEU A 78 12.63 -9.33 -16.31
CA LEU A 78 13.04 -8.23 -17.19
C LEU A 78 14.46 -7.82 -16.92
N PRO A 79 15.25 -7.59 -17.98
CA PRO A 79 16.57 -7.02 -17.78
C PRO A 79 16.43 -5.58 -17.27
N VAL A 80 17.39 -5.16 -16.45
CA VAL A 80 17.38 -3.81 -15.88
C VAL A 80 18.57 -3.04 -16.44
N TYR A 81 18.30 -1.85 -16.97
CA TYR A 81 19.33 -0.98 -17.52
C TYR A 81 19.43 0.27 -16.67
N ALA A 82 20.57 0.96 -16.76
CA ALA A 82 20.75 2.21 -16.05
C ALA A 82 19.87 3.32 -16.63
N GLY A 83 19.30 4.12 -15.74
CA GLY A 83 18.45 5.24 -16.15
C GLY A 83 17.10 4.81 -16.68
N THR A 84 16.33 5.79 -17.13
CA THR A 84 14.94 5.54 -17.52
C THR A 84 14.60 6.22 -18.83
N ALA A 85 15.61 6.42 -19.68
CA ALA A 85 15.39 6.99 -21.00
C ALA A 85 14.40 6.17 -21.82
N GLU A 86 13.76 6.80 -22.81
CA GLU A 86 12.74 6.10 -23.58
C GLU A 86 13.24 4.81 -24.22
N GLU A 87 14.48 4.83 -24.72
CA GLU A 87 15.05 3.63 -25.33
C GLU A 87 15.16 2.48 -24.33
N VAL A 88 15.51 2.79 -23.09
CA VAL A 88 15.65 1.77 -22.06
C VAL A 88 14.30 1.12 -21.75
N LEU A 89 13.26 1.94 -21.59
CA LEU A 89 11.95 1.39 -21.25
C LEU A 89 11.29 0.65 -22.41
N GLN A 90 11.80 0.85 -23.62
CA GLN A 90 11.36 0.05 -24.76
C GLN A 90 11.95 -1.35 -24.71
N GLN A 91 13.11 -1.47 -24.05
CA GLN A 91 13.87 -2.71 -24.04
C GLN A 91 13.67 -3.57 -22.78
N GLY A 92 13.31 -2.93 -21.67
CA GLY A 92 13.15 -3.65 -20.41
C GLY A 92 12.80 -2.70 -19.29
N ALA A 93 13.38 -2.93 -18.11
CA ALA A 93 13.17 -2.05 -16.98
C ALA A 93 14.35 -1.08 -16.85
N GLY A 94 14.09 0.08 -16.28
CA GLY A 94 15.13 1.08 -16.03
C GLY A 94 15.29 1.38 -14.56
N HIS A 95 16.52 1.54 -14.12
CA HIS A 95 16.79 1.93 -12.76
C HIS A 95 16.62 3.46 -12.64
N LEU A 96 15.88 3.89 -11.63
CA LEU A 96 15.63 5.30 -11.41
C LEU A 96 16.86 6.00 -10.81
N GLU A 97 17.51 6.84 -11.61
CA GLU A 97 18.71 7.53 -11.14
C GLU A 97 18.37 8.43 -9.96
N GLY A 98 19.25 8.44 -8.96
CA GLY A 98 18.96 9.12 -7.71
C GLY A 98 18.56 8.14 -6.61
N THR A 99 18.20 6.91 -6.98
CA THR A 99 17.89 5.88 -6.00
C THR A 99 19.08 4.91 -5.87
N SER A 100 19.06 4.06 -4.85
CA SER A 100 20.19 3.16 -4.59
C SER A 100 20.38 2.18 -5.74
N LEU A 101 21.63 1.84 -6.05
CA LEU A 101 21.88 0.71 -6.93
C LEU A 101 21.35 -0.58 -6.29
N PRO A 102 20.91 -1.53 -7.14
CA PRO A 102 20.23 -2.72 -6.64
C PRO A 102 21.23 -3.76 -6.13
N ILE A 103 21.84 -3.45 -5.00
CA ILE A 103 22.76 -4.35 -4.31
C ILE A 103 22.35 -4.58 -2.85
N GLY A 104 21.24 -3.99 -2.42
CA GLY A 104 20.73 -4.19 -1.07
C GLY A 104 21.60 -3.59 0.01
N GLY A 105 21.20 -3.87 1.25
CA GLY A 105 21.89 -3.34 2.43
C GLY A 105 20.94 -2.55 3.29
N ASN A 106 21.25 -2.39 4.58
CA ASN A 106 20.45 -1.56 5.44
C ASN A 106 20.42 -0.12 4.89
N SER A 107 19.31 0.59 5.09
CA SER A 107 19.19 1.97 4.64
C SER A 107 19.48 2.10 3.14
N THR A 108 18.83 1.25 2.34
CA THR A 108 18.94 1.34 0.89
CA THR A 108 18.95 1.30 0.90
C THR A 108 17.54 1.25 0.28
N HIS A 109 17.36 1.93 -0.85
CA HIS A 109 16.06 1.88 -1.56
C HIS A 109 16.30 2.09 -3.04
N ALA A 110 16.23 1.00 -3.79
CA ALA A 110 16.37 1.02 -5.24
C ALA A 110 14.99 1.04 -5.87
N VAL A 111 14.85 1.80 -6.94
CA VAL A 111 13.58 1.87 -7.67
C VAL A 111 13.79 1.42 -9.10
N ILE A 112 12.95 0.48 -9.53
CA ILE A 112 13.04 -0.15 -10.85
C ILE A 112 11.72 0.12 -11.57
N THR A 113 11.83 0.65 -12.79
CA THR A 113 10.71 1.24 -13.54
CA THR A 113 10.66 1.18 -13.51
C THR A 113 10.43 0.46 -14.81
N ALA A 114 9.16 0.29 -15.17
CA ALA A 114 8.85 -0.26 -16.49
C ALA A 114 7.43 0.11 -16.89
N HIS A 115 7.13 -0.03 -18.18
CA HIS A 115 5.84 0.40 -18.72
C HIS A 115 4.69 -0.50 -18.29
N THR A 116 3.48 0.08 -18.34
CA THR A 116 2.23 -0.69 -18.34
C THR A 116 1.49 -0.35 -19.63
N GLY A 117 0.95 -1.38 -20.29
CA GLY A 117 0.07 -1.14 -21.43
C GLY A 117 0.74 -0.97 -22.78
N LEU A 118 2.04 -1.28 -22.88
CA LEU A 118 2.71 -1.30 -24.18
CA LEU A 118 2.71 -1.28 -24.18
C LEU A 118 2.09 -2.39 -25.03
N PRO A 119 1.77 -2.08 -26.30
CA PRO A 119 1.08 -3.10 -27.11
C PRO A 119 1.95 -4.31 -27.41
N THR A 120 3.27 -4.12 -27.32
CA THR A 120 4.26 -5.05 -27.88
C THR A 120 4.89 -5.98 -26.84
N ALA A 121 4.92 -5.52 -25.60
CA ALA A 121 5.57 -6.27 -24.54
C ALA A 121 4.87 -5.94 -23.23
N LYS A 122 4.64 -6.96 -22.42
CA LYS A 122 3.85 -6.76 -21.21
C LYS A 122 4.57 -5.93 -20.14
N MET A 123 5.91 -5.98 -20.12
CA MET A 123 6.68 -5.22 -19.13
C MET A 123 6.05 -5.35 -17.74
N PHE A 124 5.65 -4.25 -17.12
CA PHE A 124 5.07 -4.27 -15.76
C PHE A 124 3.52 -4.18 -15.76
N THR A 125 2.89 -4.50 -16.88
CA THR A 125 1.43 -4.39 -16.96
C THR A 125 0.72 -5.13 -15.83
N ASP A 126 1.22 -6.30 -15.47
CA ASP A 126 0.55 -7.12 -14.45
C ASP A 126 0.95 -6.78 -13.01
N LEU A 127 1.66 -5.66 -12.82
CA LEU A 127 2.01 -5.25 -11.46
C LEU A 127 0.77 -5.07 -10.60
N THR A 128 -0.36 -4.73 -11.22
CA THR A 128 -1.61 -4.55 -10.49
C THR A 128 -2.13 -5.84 -9.87
N LYS A 129 -1.61 -6.98 -10.33
CA LYS A 129 -2.00 -8.27 -9.79
C LYS A 129 -1.26 -8.63 -8.51
N LEU A 130 -0.14 -7.94 -8.24
CA LEU A 130 0.68 -8.29 -7.10
C LEU A 130 0.00 -7.94 -5.79
N LYS A 131 0.19 -8.82 -4.82
CA LYS A 131 -0.41 -8.69 -3.50
C LYS A 131 0.68 -8.58 -2.44
N VAL A 132 0.38 -7.93 -1.33
CA VAL A 132 1.29 -7.98 -0.20
C VAL A 132 1.60 -9.45 0.09
N GLY A 133 2.86 -9.72 0.44
CA GLY A 133 3.32 -11.09 0.67
C GLY A 133 3.92 -11.75 -0.56
N ASP A 134 3.59 -11.28 -1.75
CA ASP A 134 4.23 -11.83 -2.95
C ASP A 134 5.72 -11.52 -2.94
N LYS A 135 6.50 -12.39 -3.58
CA LYS A 135 7.95 -12.24 -3.65
C LYS A 135 8.44 -11.80 -5.02
N PHE A 136 9.55 -11.07 -5.02
CA PHE A 136 10.27 -10.82 -6.25
C PHE A 136 11.76 -10.89 -5.98
N TYR A 137 12.53 -11.04 -7.05
CA TYR A 137 13.96 -11.36 -6.93
C TYR A 137 14.73 -10.41 -7.80
N VAL A 138 15.75 -9.80 -7.22
CA VAL A 138 16.60 -8.87 -7.96
C VAL A 138 17.95 -9.56 -8.15
N HIS A 139 18.32 -9.78 -9.42
CA HIS A 139 19.56 -10.46 -9.77
C HIS A 139 20.59 -9.42 -10.12
N ASN A 140 21.77 -9.53 -9.52
CA ASN A 140 22.90 -8.68 -9.91
C ASN A 140 24.13 -9.55 -10.16
N ILE A 141 25.27 -8.94 -10.45
CA ILE A 141 26.46 -9.72 -10.78
C ILE A 141 26.93 -10.62 -9.65
N LYS A 142 26.59 -10.27 -8.41
CA LYS A 142 27.04 -11.01 -7.25
C LYS A 142 26.09 -12.14 -6.83
N GLU A 143 24.79 -11.87 -6.85
CA GLU A 143 23.85 -12.77 -6.17
C GLU A 143 22.42 -12.50 -6.60
N VAL A 144 21.50 -13.28 -6.04
CA VAL A 144 20.08 -13.03 -6.19
C VAL A 144 19.56 -12.56 -4.84
N MET A 145 18.81 -11.47 -4.82
CA MET A 145 18.24 -10.92 -3.59
C MET A 145 16.73 -11.07 -3.61
N ALA A 146 16.16 -11.55 -2.50
CA ALA A 146 14.72 -11.72 -2.38
C ALA A 146 14.08 -10.56 -1.65
N TYR A 147 12.92 -10.15 -2.16
CA TYR A 147 12.10 -9.10 -1.56
C TYR A 147 10.66 -9.59 -1.41
N GLN A 148 9.97 -9.07 -0.40
CA GLN A 148 8.59 -9.44 -0.15
C GLN A 148 7.73 -8.17 -0.13
N VAL A 149 6.70 -8.14 -0.96
CA VAL A 149 5.86 -6.95 -1.07
C VAL A 149 5.21 -6.66 0.28
N ASP A 150 5.34 -5.42 0.74
CA ASP A 150 4.68 -4.97 1.98
C ASP A 150 3.79 -3.75 1.84
N GLN A 151 3.82 -3.08 0.69
CA GLN A 151 3.03 -1.85 0.51
C GLN A 151 2.83 -1.61 -0.96
N VAL A 152 1.59 -1.39 -1.37
CA VAL A 152 1.26 -1.00 -2.74
C VAL A 152 0.50 0.30 -2.64
N LYS A 153 0.92 1.31 -3.40
CA LYS A 153 0.23 2.58 -3.31
C LYS A 153 0.21 3.31 -4.64
N VAL A 154 -0.72 4.24 -4.73
CA VAL A 154 -0.86 5.08 -5.92
C VAL A 154 -0.47 6.52 -5.56
N ILE A 155 0.35 7.13 -6.41
CA ILE A 155 0.83 8.50 -6.18
C ILE A 155 0.63 9.34 -7.44
N GLU A 156 0.70 10.66 -7.27
CA GLU A 156 0.82 11.52 -8.45
C GLU A 156 2.26 11.49 -8.94
N PRO A 157 2.48 11.76 -10.23
CA PRO A 157 3.76 11.48 -10.86
C PRO A 157 4.99 12.21 -10.30
N THR A 158 4.81 13.37 -9.69
CA THR A 158 5.98 14.12 -9.22
C THR A 158 6.19 14.07 -7.72
N ASN A 159 5.42 13.22 -7.04
CA ASN A 159 5.62 12.99 -5.62
C ASN A 159 6.61 11.85 -5.43
N PHE A 160 7.82 12.18 -5.00
CA PHE A 160 8.89 11.19 -4.87
C PHE A 160 9.13 10.74 -3.43
N ASP A 161 8.30 11.19 -2.50
CA ASP A 161 8.54 10.94 -1.08
C ASP A 161 8.69 9.44 -0.78
N ASP A 162 7.89 8.62 -1.45
CA ASP A 162 7.85 7.20 -1.16
C ASP A 162 8.94 6.43 -1.91
N LEU A 163 9.79 7.15 -2.64
CA LEU A 163 10.86 6.54 -3.44
C LEU A 163 12.23 6.74 -2.81
N LEU A 164 12.28 7.44 -1.68
CA LEU A 164 13.55 7.80 -1.06
C LEU A 164 13.96 6.76 -0.02
N ILE A 165 15.23 6.80 0.37
CA ILE A 165 15.73 5.88 1.38
C ILE A 165 14.98 6.07 2.68
N VAL A 166 14.60 4.96 3.31
CA VAL A 166 14.08 4.98 4.67
C VAL A 166 15.16 4.36 5.56
N PRO A 167 15.76 5.18 6.45
CA PRO A 167 16.81 4.62 7.32
C PRO A 167 16.33 3.37 8.06
N GLY A 168 17.16 2.33 8.11
CA GLY A 168 16.83 1.11 8.82
C GLY A 168 16.08 0.05 8.02
N HIS A 169 15.87 0.33 6.73
CA HIS A 169 15.18 -0.60 5.83
C HIS A 169 15.97 -0.84 4.54
N ASP A 170 15.73 -2.01 3.95
CA ASP A 170 16.30 -2.41 2.67
C ASP A 170 15.10 -2.67 1.76
N TYR A 171 14.80 -1.69 0.90
CA TYR A 171 13.59 -1.70 0.07
C TYR A 171 13.92 -1.69 -1.42
N VAL A 172 13.07 -2.34 -2.21
CA VAL A 172 13.04 -2.11 -3.65
C VAL A 172 11.59 -1.79 -4.00
N THR A 173 11.39 -0.72 -4.75
CA THR A 173 10.06 -0.39 -5.28
C THR A 173 10.04 -0.58 -6.78
N LEU A 174 8.99 -1.26 -7.24
CA LEU A 174 8.69 -1.42 -8.65
C LEU A 174 7.66 -0.37 -9.03
N LEU A 175 7.99 0.42 -10.04
CA LEU A 175 7.26 1.64 -10.40
CA LEU A 175 7.22 1.61 -10.38
C LEU A 175 6.70 1.53 -11.81
N THR A 176 5.40 1.81 -11.96
CA THR A 176 4.81 1.88 -13.30
C THR A 176 3.70 2.91 -13.34
N CYS A 177 3.06 3.09 -14.49
N CYS A 177 3.08 3.10 -14.50
CA CYS A 177 1.96 4.02 -14.59
CA CYS A 177 1.95 4.02 -14.65
C CYS A 177 0.63 3.34 -14.27
C CYS A 177 0.62 3.35 -14.32
N THR A 178 -0.34 4.13 -13.82
CA THR A 178 -1.63 3.57 -13.44
C THR A 178 -2.64 4.73 -13.40
N PRO A 179 -3.95 4.44 -13.41
CA PRO A 179 -4.58 3.16 -13.67
C PRO A 179 -4.25 2.65 -15.08
N TYR A 180 -4.46 1.35 -15.26
CA TYR A 180 -4.29 0.70 -16.55
C TYR A 180 -5.00 1.52 -17.64
N MET A 181 -4.25 1.89 -18.67
CA MET A 181 -4.82 2.58 -19.84
C MET A 181 -5.39 3.95 -19.52
N ILE A 182 -4.90 4.52 -18.42
CA ILE A 182 -5.25 5.89 -18.03
C ILE A 182 -3.97 6.67 -17.75
N ASN A 183 -3.13 6.15 -16.85
CA ASN A 183 -1.73 6.58 -16.73
C ASN A 183 -1.51 7.98 -16.16
N THR A 184 -2.51 8.47 -15.44
CA THR A 184 -2.43 9.79 -14.82
C THR A 184 -1.62 9.74 -13.53
N HIS A 185 -1.42 8.55 -12.99
CA HIS A 185 -0.79 8.36 -11.69
C HIS A 185 0.29 7.31 -11.81
N ARG A 186 0.91 6.97 -10.69
CA ARG A 186 1.94 5.93 -10.69
C ARG A 186 1.61 4.91 -9.62
N LEU A 187 1.86 3.65 -9.93
CA LEU A 187 1.70 2.53 -9.01
C LEU A 187 3.07 2.16 -8.46
N LEU A 188 3.16 2.05 -7.15
CA LEU A 188 4.39 1.70 -6.45
C LEU A 188 4.18 0.39 -5.71
N VAL A 189 4.94 -0.63 -6.06
CA VAL A 189 4.88 -1.89 -5.36
C VAL A 189 6.20 -2.02 -4.61
N ARG A 190 6.15 -1.87 -3.29
CA ARG A 190 7.35 -1.88 -2.47
C ARG A 190 7.54 -3.22 -1.80
N GLY A 191 8.76 -3.76 -1.88
CA GLY A 191 9.12 -4.95 -1.11
C GLY A 191 10.27 -4.68 -0.15
N HIS A 192 10.28 -5.37 0.99
CA HIS A 192 11.43 -5.36 1.89
C HIS A 192 12.27 -6.61 1.68
N ARG A 193 13.56 -6.46 1.92
CA ARG A 193 14.50 -7.56 1.76
C ARG A 193 14.17 -8.67 2.75
N ILE A 194 14.26 -9.92 2.29
CA ILE A 194 14.11 -11.09 3.17
C ILE A 194 15.25 -12.06 2.92
N PRO A 195 15.50 -12.96 3.87
CA PRO A 195 16.61 -13.89 3.64
C PRO A 195 16.37 -14.82 2.46
N TYR A 196 17.46 -15.21 1.81
CA TYR A 196 17.41 -16.07 0.64
C TYR A 196 18.68 -16.90 0.62
N VAL A 197 18.51 -18.20 0.46
CA VAL A 197 19.64 -19.05 0.09
C VAL A 197 19.24 -19.83 -1.16
N ALA A 198 19.96 -19.63 -2.25
CA ALA A 198 19.65 -20.29 -3.52
C ALA A 198 19.64 -21.81 -3.38
N ASN B 3 -28.71 -8.91 6.28
CA ASN B 3 -29.04 -7.56 5.72
C ASN B 3 -30.02 -6.79 6.60
N GLN B 4 -30.56 -7.48 7.61
CA GLN B 4 -31.59 -6.89 8.48
C GLN B 4 -31.09 -5.70 9.28
N GLN B 5 -29.87 -5.79 9.78
CA GLN B 5 -29.27 -4.69 10.55
C GLN B 5 -29.05 -3.46 9.67
N ILE B 6 -28.65 -3.71 8.42
CA ILE B 6 -28.41 -2.66 7.46
C ILE B 6 -29.70 -1.95 7.06
N ALA B 7 -30.71 -2.72 6.69
CA ALA B 7 -31.98 -2.16 6.26
C ALA B 7 -32.62 -1.34 7.37
N ASP B 8 -32.46 -1.82 8.60
CA ASP B 8 -32.99 -1.10 9.75
C ASP B 8 -32.28 0.24 9.94
N PHE B 9 -30.95 0.26 9.86
CA PHE B 9 -30.21 1.52 9.94
C PHE B 9 -30.70 2.50 8.87
N ASP B 10 -30.75 2.05 7.62
CA ASP B 10 -31.13 2.94 6.54
C ASP B 10 -32.57 3.42 6.64
N LYS B 11 -33.47 2.54 7.06
CA LYS B 11 -34.89 2.87 7.23
C LYS B 11 -35.04 3.95 8.29
N GLU B 12 -34.40 3.75 9.44
CA GLU B 12 -34.50 4.71 10.53
C GLU B 12 -33.84 6.03 10.15
N LYS B 13 -32.69 5.93 9.51
CA LYS B 13 -31.95 7.11 9.06
C LYS B 13 -32.83 8.03 8.21
N ALA B 14 -33.63 7.45 7.31
CA ALA B 14 -34.45 8.24 6.39
C ALA B 14 -35.57 9.02 7.07
N THR B 15 -35.92 8.63 8.30
CA THR B 15 -36.99 9.31 9.02
C THR B 15 -36.48 10.43 9.93
N LEU B 16 -35.18 10.45 10.20
CA LEU B 16 -34.63 11.43 11.11
C LEU B 16 -34.94 12.85 10.62
N ASP B 17 -35.38 13.72 11.52
CA ASP B 17 -35.57 15.13 11.23
C ASP B 17 -34.23 15.77 10.94
N GLU B 18 -34.23 16.81 10.10
CA GLU B 18 -33.00 17.53 9.79
C GLU B 18 -32.35 18.16 11.03
N ALA B 19 -33.15 18.68 11.95
CA ALA B 19 -32.63 19.29 13.17
C ALA B 19 -31.91 18.26 14.03
N ASP B 20 -32.43 17.03 14.02
CA ASP B 20 -31.86 15.91 14.74
C ASP B 20 -30.49 15.60 14.13
N ILE B 21 -30.45 15.40 12.82
CA ILE B 21 -29.20 15.15 12.12
C ILE B 21 -28.21 16.27 12.37
N ASP B 22 -28.65 17.52 12.26
CA ASP B 22 -27.73 18.64 12.44
C ASP B 22 -27.12 18.63 13.84
N GLU B 23 -27.93 18.32 14.84
CA GLU B 23 -27.40 18.30 16.21
C GLU B 23 -26.42 17.15 16.41
N ARG B 24 -26.77 15.97 15.91
CA ARG B 24 -25.87 14.84 16.01
C ARG B 24 -24.55 15.13 15.30
N MET B 25 -24.61 15.73 14.13
CA MET B 25 -23.42 16.03 13.35
C MET B 25 -22.58 17.14 14.00
N LYS B 26 -23.24 18.10 14.64
CA LYS B 26 -22.54 19.11 15.42
C LYS B 26 -21.68 18.44 16.51
N LEU B 27 -22.28 17.50 17.22
CA LEU B 27 -21.58 16.78 18.28
C LEU B 27 -20.43 15.93 17.71
N ALA B 28 -20.68 15.26 16.58
CA ALA B 28 -19.65 14.41 15.98
C ALA B 28 -18.49 15.26 15.47
N GLN B 29 -18.81 16.40 14.87
CA GLN B 29 -17.77 17.27 14.34
C GLN B 29 -16.93 17.83 15.49
N ALA B 30 -17.59 18.22 16.58
CA ALA B 30 -16.89 18.74 17.74
C ALA B 30 -15.95 17.67 18.30
N PHE B 31 -16.41 16.43 18.32
CA PHE B 31 -15.58 15.31 18.75
C PHE B 31 -14.33 15.19 17.88
N ASN B 32 -14.51 15.21 16.57
CA ASN B 32 -13.37 15.10 15.67
C ASN B 32 -12.41 16.28 15.81
N ASP B 33 -12.98 17.48 15.97
CA ASP B 33 -12.15 18.69 16.09
C ASP B 33 -11.38 18.72 17.41
N SER B 34 -11.82 17.93 18.39
CA SER B 34 -11.14 17.88 19.70
C SER B 34 -10.44 16.54 19.93
N LEU B 35 -10.31 15.76 18.85
CA LEU B 35 -9.77 14.42 18.96
C LEU B 35 -8.33 14.39 19.44
N ASN B 36 -8.11 13.61 20.49
CA ASN B 36 -6.76 13.24 20.86
C ASN B 36 -6.40 12.00 20.05
N ASN B 37 -5.63 12.18 18.99
CA ASN B 37 -5.44 11.15 17.95
C ASN B 37 -4.33 10.18 18.36
N VAL B 38 -4.67 9.31 19.31
CA VAL B 38 -3.75 8.30 19.80
C VAL B 38 -4.51 6.99 19.76
N VAL B 39 -3.95 6.01 19.07
CA VAL B 39 -4.66 4.76 18.86
C VAL B 39 -4.81 4.00 20.18
N SER B 40 -6.04 3.61 20.49
CA SER B 40 -6.34 2.96 21.75
C SER B 40 -5.49 1.71 22.00
N GLY B 41 -5.30 0.90 20.96
CA GLY B 41 -4.51 -0.33 21.09
C GLY B 41 -4.79 -1.28 19.94
N ASP B 42 -4.13 -2.43 19.92
CA ASP B 42 -4.45 -3.44 18.90
C ASP B 42 -5.69 -4.21 19.32
N PRO B 43 -6.72 -4.19 18.47
CA PRO B 43 -8.00 -4.78 18.84
C PRO B 43 -7.93 -6.24 19.28
N TRP B 44 -6.96 -6.99 18.79
CA TRP B 44 -6.91 -8.43 19.07
C TRP B 44 -6.10 -8.78 20.31
N SER B 45 -5.53 -7.76 20.95
CA SER B 45 -4.81 -7.95 22.20
C SER B 45 -5.80 -8.26 23.32
N GLU B 46 -5.33 -8.92 24.36
CA GLU B 46 -6.20 -9.27 25.48
C GLU B 46 -6.74 -8.00 26.16
N GLU B 47 -5.90 -6.99 26.30
CA GLU B 47 -6.31 -5.73 26.91
C GLU B 47 -7.49 -5.12 26.18
N MET B 48 -7.41 -5.07 24.85
CA MET B 48 -8.47 -4.48 24.04
C MET B 48 -9.73 -5.36 23.95
N LYS B 49 -9.55 -6.68 23.93
CA LYS B 49 -10.69 -7.58 23.89
CA LYS B 49 -10.70 -7.58 23.89
C LYS B 49 -11.62 -7.35 25.07
N LYS B 50 -11.03 -7.06 26.24
CA LYS B 50 -11.76 -6.96 27.49
C LYS B 50 -12.34 -5.58 27.82
N LYS B 51 -12.23 -4.62 26.90
CA LYS B 51 -12.72 -3.27 27.15
CA LYS B 51 -12.72 -3.27 27.14
C LYS B 51 -14.22 -3.22 27.40
N GLY B 52 -14.64 -2.26 28.22
CA GLY B 52 -16.05 -2.09 28.52
C GLY B 52 -16.79 -1.36 27.42
N ARG B 53 -18.07 -1.07 27.68
CA ARG B 53 -18.93 -0.44 26.68
C ARG B 53 -18.36 0.89 26.21
N ALA B 54 -18.42 1.11 24.90
CA ALA B 54 -17.94 2.35 24.31
C ALA B 54 -19.09 3.33 24.14
N GLU B 55 -18.95 4.50 24.74
CA GLU B 55 -20.03 5.49 24.76
C GLU B 55 -19.72 6.72 23.91
N TYR B 56 -18.52 6.77 23.34
CA TYR B 56 -18.00 8.00 22.74
C TYR B 56 -18.66 8.40 21.42
N ALA B 57 -19.38 7.49 20.78
CA ALA B 57 -19.98 7.73 19.47
C ALA B 57 -21.51 7.75 19.49
N ARG B 58 -22.10 7.92 20.67
CA ARG B 58 -23.56 7.83 20.80
C ARG B 58 -24.31 8.77 19.86
N MET B 59 -23.74 9.95 19.62
CA MET B 59 -24.41 10.92 18.75
C MET B 59 -24.62 10.37 17.33
N LEU B 60 -23.77 9.45 16.89
CA LEU B 60 -23.86 8.91 15.53
C LEU B 60 -24.73 7.65 15.45
N GLU B 61 -25.19 7.15 16.59
CA GLU B 61 -25.76 5.81 16.63
C GLU B 61 -27.26 5.77 16.43
N ILE B 62 -27.72 4.80 15.66
CA ILE B 62 -29.11 4.36 15.68
C ILE B 62 -29.08 2.91 16.13
N HIS B 63 -29.78 2.62 17.23
CA HIS B 63 -29.75 1.29 17.82
C HIS B 63 -28.33 0.74 17.92
N GLU B 64 -27.42 1.56 18.43
CA GLU B 64 -26.06 1.15 18.76
C GLU B 64 -25.12 1.05 17.56
N ARG B 65 -25.64 1.24 16.35
CA ARG B 65 -24.81 1.19 15.14
C ARG B 65 -24.51 2.60 14.65
N MET B 66 -23.24 2.88 14.38
CA MET B 66 -22.90 4.21 13.89
CA MET B 66 -22.78 4.16 13.88
C MET B 66 -22.94 4.28 12.37
N GLY B 67 -23.31 3.19 11.72
CA GLY B 67 -23.43 3.17 10.27
C GLY B 67 -23.04 1.82 9.72
N HIS B 68 -22.65 1.79 8.45
CA HIS B 68 -22.22 0.55 7.83
C HIS B 68 -21.22 0.82 6.72
N VAL B 69 -20.33 -0.15 6.49
CA VAL B 69 -19.35 -0.05 5.44
CA VAL B 69 -19.34 -0.06 5.43
C VAL B 69 -19.69 -1.04 4.32
N GLU B 70 -19.91 -0.51 3.13
CA GLU B 70 -20.33 -1.25 1.95
C GLU B 70 -19.16 -1.38 0.98
N ILE B 71 -18.80 -2.61 0.62
CA ILE B 71 -17.68 -2.87 -0.26
C ILE B 71 -18.14 -3.75 -1.42
N PRO B 72 -18.64 -3.12 -2.49
CA PRO B 72 -19.34 -3.89 -3.52
C PRO B 72 -18.51 -5.01 -4.14
N VAL B 73 -17.23 -4.78 -4.38
CA VAL B 73 -16.43 -5.75 -5.10
C VAL B 73 -16.26 -7.06 -4.33
N ILE B 74 -16.48 -7.05 -3.02
CA ILE B 74 -16.45 -8.30 -2.24
C ILE B 74 -17.79 -8.58 -1.55
N ASP B 75 -18.84 -7.91 -2.00
CA ASP B 75 -20.18 -8.13 -1.45
C ASP B 75 -20.21 -8.08 0.08
N VAL B 76 -19.57 -7.05 0.63
CA VAL B 76 -19.62 -6.79 2.07
C VAL B 76 -20.50 -5.58 2.34
N ASP B 77 -21.31 -5.68 3.38
CA ASP B 77 -22.02 -4.51 3.90
C ASP B 77 -22.19 -4.77 5.40
N LEU B 78 -21.32 -4.16 6.19
CA LEU B 78 -21.15 -4.56 7.58
C LEU B 78 -21.49 -3.38 8.50
N PRO B 79 -22.34 -3.61 9.51
CA PRO B 79 -22.60 -2.54 10.49
C PRO B 79 -21.33 -2.22 11.26
N VAL B 80 -21.20 -0.95 11.65
CA VAL B 80 -20.05 -0.48 12.42
C VAL B 80 -20.52 -0.07 13.81
N TYR B 81 -19.86 -0.58 14.85
CA TYR B 81 -20.16 -0.24 16.23
C TYR B 81 -18.99 0.51 16.84
N ALA B 82 -19.24 1.23 17.93
CA ALA B 82 -18.19 1.96 18.61
C ALA B 82 -17.25 1.02 19.35
N GLY B 83 -15.96 1.33 19.29
CA GLY B 83 -14.95 0.52 19.96
C GLY B 83 -14.70 -0.80 19.26
N THR B 84 -13.81 -1.59 19.87
CA THR B 84 -13.31 -2.81 19.25
C THR B 84 -13.31 -3.97 20.24
N ALA B 85 -14.18 -3.90 21.25
CA ALA B 85 -14.26 -4.95 22.25
C ALA B 85 -14.69 -6.26 21.62
N GLU B 86 -14.41 -7.37 22.31
CA GLU B 86 -14.70 -8.70 21.76
CA GLU B 86 -14.68 -8.68 21.72
C GLU B 86 -16.13 -8.84 21.26
N GLU B 87 -17.09 -8.37 22.05
CA GLU B 87 -18.51 -8.49 21.68
C GLU B 87 -18.87 -7.72 20.40
N VAL B 88 -18.24 -6.56 20.20
CA VAL B 88 -18.47 -5.79 19.00
C VAL B 88 -17.95 -6.52 17.76
N LEU B 89 -16.74 -7.07 17.85
CA LEU B 89 -16.17 -7.72 16.69
C LEU B 89 -16.85 -9.06 16.40
N GLN B 90 -17.61 -9.57 17.37
CA GLN B 90 -18.44 -10.73 17.09
C GLN B 90 -19.64 -10.35 16.24
N GLN B 91 -20.10 -9.11 16.38
CA GLN B 91 -21.36 -8.66 15.79
C GLN B 91 -21.20 -7.95 14.45
N GLY B 92 -20.02 -7.38 14.20
CA GLY B 92 -19.81 -6.63 12.98
C GLY B 92 -18.44 -6.02 13.00
N ALA B 93 -18.31 -4.82 12.43
CA ALA B 93 -17.05 -4.09 12.44
C ALA B 93 -17.02 -3.15 13.63
N GLY B 94 -15.81 -2.86 14.13
CA GLY B 94 -15.64 -1.92 15.23
C GLY B 94 -14.81 -0.71 14.83
N HIS B 95 -15.22 0.46 15.28
CA HIS B 95 -14.47 1.68 15.07
C HIS B 95 -13.32 1.77 16.07
N LEU B 96 -12.12 2.02 15.57
CA LEU B 96 -10.95 2.07 16.43
C LEU B 96 -10.91 3.37 17.21
N GLU B 97 -11.17 3.29 18.51
CA GLU B 97 -11.16 4.48 19.35
C GLU B 97 -9.78 5.15 19.30
N GLY B 98 -9.80 6.48 19.20
CA GLY B 98 -8.59 7.27 19.02
C GLY B 98 -8.46 7.77 17.59
N THR B 99 -9.24 7.19 16.68
CA THR B 99 -9.27 7.63 15.28
C THR B 99 -10.52 8.46 15.04
N SER B 100 -10.57 9.17 13.91
CA SER B 100 -11.70 10.05 13.62
C SER B 100 -13.01 9.28 13.55
N LEU B 101 -14.09 9.89 14.00
CA LEU B 101 -15.41 9.32 13.73
C LEU B 101 -15.64 9.35 12.22
N PRO B 102 -16.40 8.36 11.70
CA PRO B 102 -16.61 8.22 10.25
C PRO B 102 -17.63 9.20 9.67
N ILE B 103 -17.26 10.48 9.70
CA ILE B 103 -18.06 11.53 9.09
C ILE B 103 -17.27 12.31 8.04
N GLY B 104 -16.04 11.89 7.78
CA GLY B 104 -15.22 12.52 6.75
C GLY B 104 -14.81 13.93 7.11
N GLY B 105 -14.12 14.58 6.16
CA GLY B 105 -13.70 15.96 6.29
C GLY B 105 -12.21 16.10 6.05
N ASN B 106 -11.78 17.32 5.76
CA ASN B 106 -10.34 17.58 5.69
C ASN B 106 -9.65 17.14 6.97
N SER B 107 -8.47 16.54 6.83
CA SER B 107 -7.66 16.13 7.97
C SER B 107 -8.41 15.19 8.93
N THR B 108 -8.97 14.13 8.36
CA THR B 108 -9.63 13.09 9.16
C THR B 108 -9.12 11.72 8.72
N HIS B 109 -9.09 10.78 9.66
CA HIS B 109 -8.72 9.40 9.33
C HIS B 109 -9.41 8.47 10.32
N ALA B 110 -10.46 7.80 9.84
CA ALA B 110 -11.24 6.85 10.63
C ALA B 110 -10.74 5.44 10.31
N VAL B 111 -10.65 4.59 11.33
CA VAL B 111 -10.23 3.21 11.12
C VAL B 111 -11.35 2.26 11.55
N ILE B 112 -11.69 1.33 10.66
CA ILE B 112 -12.77 0.38 10.87
C ILE B 112 -12.18 -1.02 10.81
N THR B 113 -12.46 -1.83 11.84
CA THR B 113 -11.79 -3.10 12.02
CA THR B 113 -11.80 -3.09 12.11
C THR B 113 -12.77 -4.26 12.03
N ALA B 114 -12.33 -5.41 11.53
CA ALA B 114 -13.16 -6.60 11.60
C ALA B 114 -12.31 -7.85 11.49
N HIS B 115 -12.87 -8.97 11.93
CA HIS B 115 -12.18 -10.25 11.93
C HIS B 115 -11.96 -10.78 10.51
N THR B 116 -11.13 -11.81 10.43
CA THR B 116 -10.89 -12.55 9.20
C THR B 116 -10.79 -14.03 9.51
N GLY B 117 -11.27 -14.87 8.61
CA GLY B 117 -11.11 -16.32 8.71
C GLY B 117 -12.11 -17.03 9.60
N LEU B 118 -13.12 -16.34 10.12
CA LEU B 118 -14.07 -17.02 11.00
C LEU B 118 -14.93 -18.02 10.22
N PRO B 119 -15.25 -19.16 10.84
CA PRO B 119 -16.18 -20.07 10.15
C PRO B 119 -17.61 -19.54 10.09
N THR B 120 -17.98 -18.64 10.99
CA THR B 120 -19.40 -18.34 11.26
C THR B 120 -19.91 -17.02 10.70
N ALA B 121 -18.99 -16.14 10.28
CA ALA B 121 -19.36 -14.86 9.67
C ALA B 121 -18.17 -14.45 8.85
N LYS B 122 -18.42 -14.01 7.62
CA LYS B 122 -17.29 -13.72 6.74
C LYS B 122 -16.51 -12.46 7.11
N MET B 123 -17.17 -11.49 7.75
CA MET B 123 -16.50 -10.26 8.18
C MET B 123 -15.58 -9.74 7.06
N PHE B 124 -14.29 -9.54 7.36
CA PHE B 124 -13.32 -9.01 6.38
C PHE B 124 -12.43 -10.12 5.78
N THR B 125 -12.90 -11.36 5.75
CA THR B 125 -12.13 -12.44 5.13
C THR B 125 -11.67 -12.14 3.71
N ASP B 126 -12.54 -11.52 2.92
CA ASP B 126 -12.19 -11.21 1.53
C ASP B 126 -11.51 -9.84 1.36
N LEU B 127 -11.17 -9.17 2.46
CA LEU B 127 -10.49 -7.86 2.34
C LEU B 127 -9.20 -7.97 1.52
N THR B 128 -8.55 -9.13 1.63
CA THR B 128 -7.35 -9.44 0.87
C THR B 128 -7.52 -9.25 -0.65
N LYS B 129 -8.75 -9.35 -1.15
CA LYS B 129 -9.01 -9.21 -2.58
C LYS B 129 -8.95 -7.76 -3.07
N LEU B 130 -9.12 -6.82 -2.16
CA LEU B 130 -9.16 -5.40 -2.56
C LEU B 130 -7.84 -4.94 -3.13
N LYS B 131 -7.94 -4.08 -4.13
CA LYS B 131 -6.78 -3.51 -4.80
C LYS B 131 -6.89 -2.00 -4.79
N VAL B 132 -5.74 -1.33 -4.92
CA VAL B 132 -5.78 0.10 -5.16
C VAL B 132 -6.70 0.37 -6.35
N GLY B 133 -7.52 1.40 -6.22
CA GLY B 133 -8.54 1.73 -7.20
C GLY B 133 -9.93 1.25 -6.86
N ASP B 134 -10.04 0.23 -6.02
CA ASP B 134 -11.37 -0.26 -5.60
C ASP B 134 -12.09 0.78 -4.75
N LYS B 135 -13.42 0.67 -4.72
CA LYS B 135 -14.27 1.61 -4.00
C LYS B 135 -14.87 0.98 -2.75
N PHE B 136 -15.12 1.79 -1.73
CA PHE B 136 -16.03 1.40 -0.68
C PHE B 136 -16.81 2.61 -0.21
N TYR B 137 -17.91 2.37 0.49
CA TYR B 137 -18.89 3.42 0.82
C TYR B 137 -19.19 3.35 2.30
N VAL B 138 -19.00 4.47 2.99
CA VAL B 138 -19.25 4.55 4.42
C VAL B 138 -20.56 5.29 4.63
N HIS B 139 -21.53 4.58 5.17
CA HIS B 139 -22.87 5.11 5.43
C HIS B 139 -22.94 5.60 6.87
N ASN B 140 -23.37 6.84 7.06
CA ASN B 140 -23.66 7.33 8.40
C ASN B 140 -25.03 8.00 8.42
N ILE B 141 -25.41 8.60 9.54
CA ILE B 141 -26.75 9.15 9.67
C ILE B 141 -27.05 10.28 8.68
N LYS B 142 -26.01 10.92 8.16
CA LYS B 142 -26.19 12.09 7.30
C LYS B 142 -26.16 11.73 5.81
N GLU B 143 -25.27 10.83 5.43
CA GLU B 143 -24.99 10.65 4.01
C GLU B 143 -24.23 9.37 3.77
N VAL B 144 -23.91 9.13 2.51
CA VAL B 144 -23.02 8.03 2.13
C VAL B 144 -21.77 8.64 1.52
N MET B 145 -20.62 8.23 2.04
CA MET B 145 -19.33 8.78 1.63
C MET B 145 -18.55 7.74 0.82
N ALA B 146 -18.05 8.14 -0.34
CA ALA B 146 -17.27 7.25 -1.20
C ALA B 146 -15.77 7.39 -0.92
N TYR B 147 -15.09 6.25 -0.87
CA TYR B 147 -13.65 6.17 -0.68
C TYR B 147 -13.05 5.28 -1.76
N GLN B 148 -11.88 5.66 -2.24
CA GLN B 148 -11.18 4.89 -3.27
C GLN B 148 -9.82 4.48 -2.72
N VAL B 149 -9.56 3.18 -2.73
CA VAL B 149 -8.34 2.65 -2.14
C VAL B 149 -7.10 3.21 -2.83
N ASP B 150 -6.18 3.76 -2.02
CA ASP B 150 -4.93 4.30 -2.53
C ASP B 150 -3.69 3.60 -1.98
N GLN B 151 -3.87 2.76 -0.95
CA GLN B 151 -2.71 2.10 -0.36
C GLN B 151 -3.15 0.84 0.35
N VAL B 152 -2.41 -0.23 0.15
CA VAL B 152 -2.61 -1.47 0.88
C VAL B 152 -1.27 -1.83 1.49
N LYS B 153 -1.24 -2.14 2.78
CA LYS B 153 0.04 -2.47 3.39
C LYS B 153 -0.12 -3.40 4.56
N VAL B 154 1.00 -4.04 4.91
CA VAL B 154 1.04 -4.97 6.04
C VAL B 154 1.97 -4.41 7.10
N ILE B 155 1.52 -4.44 8.35
CA ILE B 155 2.29 -3.93 9.48
C ILE B 155 2.29 -4.93 10.62
N GLU B 156 3.25 -4.79 11.52
CA GLU B 156 3.20 -5.49 12.80
C GLU B 156 2.14 -4.83 13.70
N PRO B 157 1.52 -5.60 14.62
CA PRO B 157 0.29 -5.19 15.32
C PRO B 157 0.31 -3.92 16.18
N THR B 158 1.47 -3.56 16.71
CA THR B 158 1.52 -2.42 17.62
C THR B 158 2.08 -1.16 16.97
N ASN B 159 2.26 -1.21 15.65
CA ASN B 159 2.73 -0.05 14.89
C ASN B 159 1.52 0.70 14.38
N PHE B 160 1.26 1.87 14.97
CA PHE B 160 0.03 2.59 14.65
C PHE B 160 0.25 3.78 13.74
N ASP B 161 1.49 3.96 13.28
CA ASP B 161 1.84 5.16 12.53
C ASP B 161 0.89 5.39 11.34
N ASP B 162 0.53 4.32 10.66
CA ASP B 162 -0.25 4.41 9.44
C ASP B 162 -1.74 4.60 9.70
N LEU B 163 -2.12 4.65 10.97
CA LEU B 163 -3.52 4.76 11.35
C LEU B 163 -3.88 6.15 11.85
N LEU B 164 -2.89 7.05 11.89
CA LEU B 164 -3.10 8.39 12.40
C LEU B 164 -3.56 9.35 11.31
N ILE B 165 -4.09 10.50 11.71
CA ILE B 165 -4.49 11.50 10.75
C ILE B 165 -3.33 11.94 9.86
N VAL B 166 -3.61 11.98 8.56
CA VAL B 166 -2.68 12.56 7.59
C VAL B 166 -3.22 13.95 7.26
N PRO B 167 -2.50 15.00 7.68
CA PRO B 167 -2.97 16.35 7.47
C PRO B 167 -3.30 16.62 6.01
N GLY B 168 -4.44 17.27 5.78
CA GLY B 168 -4.83 17.66 4.44
C GLY B 168 -5.52 16.59 3.64
N HIS B 169 -5.88 15.48 4.29
CA HIS B 169 -6.49 14.33 3.61
C HIS B 169 -7.64 13.77 4.43
N ASP B 170 -8.46 12.96 3.75
CA ASP B 170 -9.67 12.37 4.33
C ASP B 170 -9.60 10.88 4.00
N TYR B 171 -9.22 10.10 5.00
CA TYR B 171 -8.94 8.67 4.82
C TYR B 171 -9.84 7.81 5.68
N VAL B 172 -10.17 6.62 5.16
CA VAL B 172 -10.69 5.54 5.99
C VAL B 172 -9.82 4.31 5.73
N THR B 173 -9.31 3.72 6.80
CA THR B 173 -8.61 2.44 6.69
C THR B 173 -9.46 1.30 7.23
N LEU B 174 -9.53 0.24 6.43
CA LEU B 174 -10.15 -1.02 6.82
C LEU B 174 -9.05 -1.95 7.28
N LEU B 175 -9.19 -2.49 8.48
CA LEU B 175 -8.11 -3.15 9.18
C LEU B 175 -8.51 -4.56 9.56
N THR B 176 -7.67 -5.55 9.22
CA THR B 176 -7.90 -6.91 9.68
C THR B 176 -6.55 -7.60 9.90
N CYS B 177 -6.56 -8.90 10.18
CA CYS B 177 -5.31 -9.64 10.43
C CYS B 177 -4.81 -10.33 9.16
N THR B 178 -3.53 -10.69 9.15
CA THR B 178 -2.89 -11.31 7.99
C THR B 178 -1.55 -11.89 8.50
N PRO B 179 -0.94 -12.82 7.77
CA PRO B 179 -1.43 -13.54 6.60
C PRO B 179 -2.53 -14.52 6.98
N TYR B 180 -3.12 -15.10 5.95
CA TYR B 180 -4.28 -15.97 6.08
C TYR B 180 -4.01 -17.14 7.02
N MET B 181 -4.86 -17.27 8.02
CA MET B 181 -4.78 -18.36 9.00
C MET B 181 -3.55 -18.31 9.88
N ILE B 182 -2.83 -17.20 9.83
CA ILE B 182 -1.62 -17.00 10.65
C ILE B 182 -1.79 -15.80 11.58
N ASN B 183 -2.17 -14.65 11.02
CA ASN B 183 -2.73 -13.55 11.81
C ASN B 183 -1.74 -12.84 12.73
N THR B 184 -0.45 -12.95 12.42
CA THR B 184 0.59 -12.31 13.22
C THR B 184 0.74 -10.82 12.92
N HIS B 185 0.21 -10.40 11.78
CA HIS B 185 0.36 -9.03 11.29
C HIS B 185 -1.00 -8.45 10.98
N ARG B 186 -1.01 -7.22 10.50
CA ARG B 186 -2.28 -6.55 10.17
C ARG B 186 -2.26 -6.06 8.74
N LEU B 187 -3.38 -6.23 8.07
CA LEU B 187 -3.59 -5.74 6.69
C LEU B 187 -4.38 -4.43 6.80
N LEU B 188 -3.84 -3.39 6.16
CA LEU B 188 -4.43 -2.06 6.18
C LEU B 188 -4.82 -1.69 4.75
N VAL B 189 -6.12 -1.55 4.49
CA VAL B 189 -6.63 -1.12 3.18
C VAL B 189 -7.14 0.32 3.34
N ARG B 190 -6.40 1.28 2.79
CA ARG B 190 -6.68 2.69 3.00
C ARG B 190 -7.32 3.29 1.76
N GLY B 191 -8.44 3.98 1.96
CA GLY B 191 -9.10 4.70 0.86
C GLY B 191 -9.17 6.18 1.17
N HIS B 192 -9.09 7.00 0.12
CA HIS B 192 -9.27 8.45 0.24
C HIS B 192 -10.65 8.84 -0.26
N ARG B 193 -11.22 9.84 0.38
CA ARG B 193 -12.53 10.37 0.02
C ARG B 193 -12.54 10.85 -1.42
N ILE B 194 -13.63 10.57 -2.15
CA ILE B 194 -13.83 11.11 -3.49
C ILE B 194 -15.27 11.61 -3.58
N PRO B 195 -15.55 12.55 -4.51
CA PRO B 195 -16.94 12.99 -4.63
C PRO B 195 -17.89 11.86 -5.00
N TYR B 196 -19.12 11.94 -4.52
CA TYR B 196 -20.11 10.90 -4.78
C TYR B 196 -21.51 11.41 -4.47
N VAL B 197 -22.44 11.15 -5.38
CA VAL B 197 -23.83 11.50 -5.17
C VAL B 197 -24.71 10.27 -5.30
C1 GOL C . -1.93 -5.46 -2.26
O1 GOL C . -2.22 -6.73 -1.73
C2 GOL C . -2.64 -5.10 -3.56
O2 GOL C . -3.20 -6.09 -4.37
C3 GOL C . -2.82 -3.60 -3.82
O3 GOL C . -3.63 -3.28 -4.92
C1 GOL D . -3.46 -6.23 -15.51
O1 GOL D . -3.52 -7.63 -15.48
C2 GOL D . -4.58 -5.61 -16.36
O2 GOL D . -5.69 -6.46 -16.54
C3 GOL D . -5.01 -4.30 -15.71
O3 GOL D . -6.39 -4.28 -15.43
C1 GOL E . 3.00 2.94 -22.26
O1 GOL E . 2.87 3.12 -23.65
C2 GOL E . 3.00 4.30 -21.57
O2 GOL E . 1.68 4.75 -21.37
C3 GOL E . 3.75 4.30 -20.24
O3 GOL E . 3.80 3.03 -19.61
C1 GOL F . -22.05 12.27 23.17
O1 GOL F . -22.52 11.48 22.11
C2 GOL F . -22.30 13.74 22.87
O2 GOL F . -22.43 14.47 24.08
C3 GOL F . -21.15 14.32 22.05
O3 GOL F . -19.89 14.07 22.65
C1 GOL G . -8.55 -12.76 13.33
O1 GOL G . -9.80 -12.15 13.12
C2 GOL G . -8.57 -13.60 14.60
O2 GOL G . -9.45 -13.06 15.57
C3 GOL G . -9.01 -15.01 14.25
O3 GOL G . -10.30 -14.95 13.67
C1 GOL H . 3.91 -11.99 7.26
O1 GOL H . 3.20 -10.80 6.99
C2 GOL H . 5.39 -11.67 7.35
O2 GOL H . 6.06 -12.33 6.29
C3 GOL H . 5.58 -10.17 7.18
O3 GOL H . 6.95 -9.87 7.24
#